data_6PDM
#
_entry.id   6PDM
#
_cell.length_a   64.812
_cell.length_b   83.802
_cell.length_c   65.711
_cell.angle_alpha   90.000
_cell.angle_beta   98.160
_cell.angle_gamma   90.000
#
_symmetry.space_group_name_H-M   'P 1 21 1'
#
loop_
_entity.id
_entity.type
_entity.pdbx_description
1 polymer 'Protein arginine N-methyltransferase 9'
2 non-polymer 'UNKNOWN ATOM OR ION'
#
_entity_poly.entity_id   1
_entity_poly.type   'polypeptide(L)'
_entity_poly.pdbx_seq_one_letter_code
;GAVKLNPDFSDAKENFYRVANWLVERWHFIMLNDTKRNTIYNAAIQKAVCLGSKSVLDIGAGTGILSMFAKKAGAHSVYA
CELSKTMYELACDVVAANKMEAGIKLLHTKSLDIEIPKHIPERVSLVVTETVDAGLFGEGIVESLIHAWEHLLLQPKTKG
ESANCEKYGKVIPASAVIFGMAVECAEIRRHHRVGIKDIAGIHLPTNVKFQSPAYSSVDTEETIEPYTTEKMSRVPGGYL
ALTECFEIMTVDFNNLQELKSLATKKPDKIGIPVIKEGILDAIMVWFVLQLDDEHSLSTSPSEETCWEQAVYPVQDLADY
WIKPGDHVMMEVSCQDCYLRIQSISVLGLECEMDVAKSFTQNKDLLSLGNEAELCSALANLQTSKPDAVEQTCILESTEI
ALLNNIPYHEGFKMAMSKVLSSLTPEKLYQTMDTHCQNEMSSGTGQSNTVQNILEPFYVLDVSEGFSVLPVIAGTLGQVK
PYSSVEKDQHRIALDLISEANHFPKETLEFWLRHVEDESAMLQRPKSDKLWSIIILDVIEPSGLIQQEIMEKAAISRCLL
QSGGKIFPQYVLMFGLLVESQTLLEENAVQGTERTLGLNIAPFINQFQVPIRVFLDLSSLPCIPLSKPVELLRLDLMTPY
LNTSNREVKVYVCKSGRLTAIPFWYHMYLDEEIRLDTSSEASHWKQAAVVLDNPIQVEMGEELVLSIQHHKSNVSITVKQ
;
_entity_poly.pdbx_strand_id   A
#
# COMPACT_ATOMS: atom_id res chain seq x y z
N GLU A 25 12.26 9.24 4.82
CA GLU A 25 11.20 8.42 4.25
C GLU A 25 11.16 6.98 4.84
N ARG A 26 10.02 6.29 4.64
CA ARG A 26 9.68 4.97 5.18
C ARG A 26 10.76 3.82 5.19
N TRP A 27 11.28 3.27 4.05
CA TRP A 27 12.16 2.08 4.23
C TRP A 27 13.58 2.38 4.62
N HIS A 28 13.93 3.63 4.79
CA HIS A 28 15.30 3.92 5.19
C HIS A 28 15.52 3.49 6.62
N PHE A 29 14.49 3.56 7.46
CA PHE A 29 14.65 3.19 8.85
C PHE A 29 14.80 1.70 9.03
N ILE A 30 13.89 0.93 8.47
CA ILE A 30 14.00 -0.52 8.65
C ILE A 30 15.28 -1.07 8.03
N MET A 31 15.71 -0.54 6.87
CA MET A 31 16.96 -1.03 6.28
C MET A 31 18.19 -0.66 7.11
N LEU A 32 18.27 0.58 7.62
CA LEU A 32 19.42 0.96 8.47
C LEU A 32 19.51 0.16 9.75
N ASN A 33 18.34 -0.20 10.29
CA ASN A 33 18.25 -1.05 11.48
C ASN A 33 18.66 -2.50 11.24
N ASP A 34 18.66 -3.00 9.95
CA ASP A 34 19.02 -4.39 9.65
C ASP A 34 20.54 -4.57 9.67
N THR A 35 21.03 -4.78 10.87
CA THR A 35 22.45 -4.94 11.16
C THR A 35 23.09 -6.00 10.31
N LYS A 36 22.41 -7.16 10.16
CA LYS A 36 22.98 -8.24 9.37
C LYS A 36 23.15 -7.81 7.94
N ARG A 37 22.15 -7.13 7.38
CA ARG A 37 22.28 -6.69 5.99
C ARG A 37 23.43 -5.74 5.86
N ASN A 38 23.60 -4.87 6.85
CA ASN A 38 24.67 -3.89 6.83
C ASN A 38 26.03 -4.62 6.92
N THR A 39 26.09 -5.65 7.76
CA THR A 39 27.28 -6.48 7.93
C THR A 39 27.75 -7.12 6.62
N ILE A 40 26.79 -7.62 5.82
CA ILE A 40 27.06 -8.26 4.54
C ILE A 40 27.52 -7.26 3.47
N TYR A 41 26.86 -6.10 3.40
CA TYR A 41 27.28 -5.06 2.47
C TYR A 41 28.67 -4.58 2.83
N ASN A 42 28.96 -4.45 4.11
CA ASN A 42 30.27 -4.00 4.53
C ASN A 42 31.33 -5.06 4.18
N ALA A 43 31.05 -6.35 4.44
CA ALA A 43 32.01 -7.43 4.13
C ALA A 43 32.38 -7.46 2.65
N ALA A 44 31.38 -7.31 1.80
CA ALA A 44 31.57 -7.36 0.35
C ALA A 44 32.31 -6.15 -0.19
N ILE A 45 31.99 -4.97 0.35
CA ILE A 45 32.63 -3.74 -0.05
C ILE A 45 34.07 -3.77 0.38
N GLN A 46 34.34 -4.20 1.63
CA GLN A 46 35.70 -4.31 2.18
C GLN A 46 36.55 -5.23 1.35
N LYS A 47 35.95 -6.34 0.91
CA LYS A 47 36.69 -7.29 0.10
C LYS A 47 37.07 -6.65 -1.22
N ALA A 48 36.16 -6.00 -1.92
CA ALA A 48 36.48 -5.36 -3.19
C ALA A 48 37.60 -4.32 -3.07
N VAL A 49 37.59 -3.57 -1.97
CA VAL A 49 38.57 -2.54 -1.69
C VAL A 49 39.93 -3.15 -1.36
N CYS A 50 39.94 -4.18 -0.50
CA CYS A 50 41.17 -4.88 -0.14
C CYS A 50 41.77 -5.58 -1.33
N LEU A 51 40.99 -5.84 -2.39
CA LEU A 51 41.50 -6.47 -3.60
C LEU A 51 41.87 -5.48 -4.72
N GLY A 52 41.98 -4.18 -4.39
CA GLY A 52 42.41 -3.15 -5.33
C GLY A 52 41.37 -2.15 -5.80
N SER A 53 40.07 -2.33 -5.51
CA SER A 53 39.08 -1.35 -5.96
C SER A 53 39.06 -0.12 -5.04
N LYS A 54 40.06 0.78 -5.19
CA LYS A 54 40.27 1.96 -4.33
C LYS A 54 39.57 3.27 -4.85
N SER A 55 38.76 3.11 -5.89
CA SER A 55 38.06 4.16 -6.60
C SER A 55 36.60 3.69 -6.74
N VAL A 56 35.70 4.23 -5.93
CA VAL A 56 34.31 3.76 -5.85
C VAL A 56 33.25 4.81 -6.12
N LEU A 57 32.13 4.42 -6.80
CA LEU A 57 30.97 5.28 -7.01
C LEU A 57 29.69 4.60 -6.48
N ASP A 58 29.10 5.20 -5.44
CA ASP A 58 27.86 4.77 -4.78
C ASP A 58 26.65 5.44 -5.44
N ILE A 59 25.85 4.65 -6.17
CA ILE A 59 24.68 5.16 -6.84
C ILE A 59 23.47 4.93 -5.96
N GLY A 60 22.73 6.01 -5.64
CA GLY A 60 21.56 5.95 -4.77
C GLY A 60 22.02 5.92 -3.32
N ALA A 61 22.93 6.85 -3.00
CA ALA A 61 23.64 6.93 -1.74
C ALA A 61 22.81 6.96 -0.48
N GLY A 62 21.62 7.56 -0.52
CA GLY A 62 20.80 7.67 0.67
C GLY A 62 21.51 8.52 1.72
N THR A 63 21.84 7.94 2.87
CA THR A 63 22.55 8.63 3.95
C THR A 63 24.08 8.58 3.75
N GLY A 64 24.53 7.82 2.76
CA GLY A 64 25.95 7.63 2.47
C GLY A 64 26.60 6.50 3.25
N ILE A 65 25.82 5.63 3.91
CA ILE A 65 26.37 4.51 4.69
C ILE A 65 27.30 3.60 3.89
N LEU A 66 26.97 3.27 2.64
CA LEU A 66 27.85 2.38 1.90
C LEU A 66 29.09 3.12 1.47
N SER A 67 28.97 4.43 1.22
CA SER A 67 30.13 5.23 0.85
C SER A 67 31.11 5.26 2.01
N MET A 68 30.57 5.38 3.23
CA MET A 68 31.41 5.39 4.42
C MET A 68 32.04 4.03 4.63
N PHE A 69 31.30 2.95 4.38
CA PHE A 69 31.88 1.60 4.45
C PHE A 69 33.09 1.54 3.57
N ALA A 70 32.96 1.95 2.32
CA ALA A 70 34.07 1.98 1.37
C ALA A 70 35.26 2.78 1.87
N LYS A 71 35.03 4.00 2.37
CA LYS A 71 36.13 4.84 2.82
C LYS A 71 36.84 4.28 4.03
N LYS A 72 36.07 3.93 5.05
CA LYS A 72 36.62 3.36 6.28
C LYS A 72 37.32 2.01 5.98
N ALA A 73 36.89 1.33 4.91
CA ALA A 73 37.50 0.07 4.49
C ALA A 73 38.90 0.22 3.87
N GLY A 74 39.25 1.42 3.42
CA GLY A 74 40.54 1.68 2.81
C GLY A 74 40.50 2.34 1.45
N ALA A 75 39.32 2.75 0.95
CA ALA A 75 39.28 3.41 -0.36
C ALA A 75 39.99 4.74 -0.35
N HIS A 76 40.56 5.11 -1.49
CA HIS A 76 41.23 6.38 -1.59
C HIS A 76 40.25 7.42 -2.08
N SER A 77 39.40 7.06 -3.06
CA SER A 77 38.44 8.01 -3.60
C SER A 77 37.02 7.44 -3.62
N VAL A 78 36.09 8.13 -2.93
CA VAL A 78 34.71 7.70 -2.87
C VAL A 78 33.79 8.83 -3.37
N TYR A 79 32.93 8.51 -4.33
CA TYR A 79 31.98 9.43 -4.90
C TYR A 79 30.61 8.87 -4.67
N ALA A 80 29.66 9.70 -4.38
CA ALA A 80 28.34 9.18 -4.17
C ALA A 80 27.33 10.12 -4.72
N CYS A 81 26.24 9.57 -5.21
CA CYS A 81 25.20 10.41 -5.76
C CYS A 81 23.83 10.05 -5.24
N GLU A 82 23.01 11.10 -5.15
CA GLU A 82 21.67 11.01 -4.65
C GLU A 82 20.76 12.04 -5.31
N LEU A 83 19.67 11.55 -5.91
CA LEU A 83 18.66 12.36 -6.61
C LEU A 83 17.83 13.26 -5.67
N SER A 84 17.48 12.76 -4.48
CA SER A 84 16.70 13.51 -3.48
C SER A 84 17.46 14.67 -2.79
N LYS A 85 16.84 15.85 -2.76
CA LYS A 85 17.44 17.01 -2.08
C LYS A 85 17.45 16.78 -0.57
N THR A 86 16.39 16.20 0.00
CA THR A 86 16.44 15.91 1.42
C THR A 86 17.51 14.88 1.74
N MET A 87 17.56 13.75 0.99
CA MET A 87 18.57 12.74 1.29
C MET A 87 19.99 13.29 1.07
N TYR A 88 20.22 14.13 0.03
CA TYR A 88 21.56 14.70 -0.21
C TYR A 88 22.04 15.48 1.01
N GLU A 89 21.20 16.39 1.48
CA GLU A 89 21.49 17.24 2.63
C GLU A 89 21.71 16.39 3.86
N LEU A 90 20.88 15.37 4.01
CA LEU A 90 21.00 14.45 5.15
C LEU A 90 22.37 13.76 5.11
N ALA A 91 22.76 13.22 3.97
CA ALA A 91 24.04 12.55 3.86
C ALA A 91 25.17 13.49 4.18
N CYS A 92 25.12 14.75 3.70
CA CYS A 92 26.18 15.72 4.00
C CYS A 92 26.32 15.89 5.50
N ASP A 93 25.20 16.03 6.22
CA ASP A 93 25.24 16.20 7.67
C ASP A 93 25.83 14.94 8.33
N VAL A 94 25.47 13.76 7.84
CA VAL A 94 25.96 12.50 8.39
C VAL A 94 27.45 12.29 8.14
N VAL A 95 27.86 12.47 6.91
CA VAL A 95 29.24 12.26 6.54
C VAL A 95 30.17 13.24 7.27
N ALA A 96 29.76 14.52 7.33
CA ALA A 96 30.54 15.53 8.06
C ALA A 96 30.61 15.17 9.55
N ALA A 97 29.47 14.71 10.12
CA ALA A 97 29.36 14.27 11.52
C ALA A 97 30.26 13.10 11.90
N ASN A 98 30.58 12.22 10.94
CA ASN A 98 31.45 11.06 11.14
C ASN A 98 32.89 11.38 10.72
N LYS A 99 33.18 12.67 10.43
CA LYS A 99 34.49 13.21 10.04
C LYS A 99 35.08 12.53 8.83
N MET A 100 34.27 12.32 7.81
CA MET A 100 34.70 11.69 6.57
C MET A 100 34.41 12.57 5.37
N GLU A 101 34.21 13.88 5.63
CA GLU A 101 33.93 14.85 4.57
C GLU A 101 35.07 14.83 3.55
N ALA A 102 36.31 14.82 4.05
CA ALA A 102 37.48 14.74 3.19
C ALA A 102 37.60 13.29 2.75
N GLY A 103 37.56 13.05 1.45
CA GLY A 103 37.62 11.69 0.91
C GLY A 103 36.30 11.23 0.32
N ILE A 104 35.16 11.85 0.71
CA ILE A 104 33.88 11.46 0.11
C ILE A 104 33.27 12.66 -0.57
N LYS A 105 32.98 12.54 -1.86
CA LYS A 105 32.36 13.63 -2.61
C LYS A 105 30.90 13.31 -2.86
N LEU A 106 29.99 14.08 -2.26
CA LEU A 106 28.56 13.85 -2.45
C LEU A 106 28.07 14.68 -3.60
N LEU A 107 27.30 14.04 -4.47
CA LEU A 107 26.76 14.67 -5.66
C LEU A 107 25.23 14.67 -5.66
N HIS A 108 24.62 15.86 -5.63
CA HIS A 108 23.16 15.96 -5.71
C HIS A 108 22.77 15.75 -7.17
N THR A 109 22.66 14.49 -7.62
CA THR A 109 22.31 14.21 -9.00
C THR A 109 21.81 12.78 -9.28
N LYS A 110 21.37 12.55 -10.54
CA LYS A 110 20.98 11.26 -11.10
C LYS A 110 22.25 10.70 -11.71
N SER A 111 22.49 9.39 -11.58
CA SER A 111 23.73 8.80 -12.11
C SER A 111 23.89 8.98 -13.64
N LEU A 112 22.77 9.01 -14.38
CA LEU A 112 22.73 9.16 -15.85
C LEU A 112 23.31 10.49 -16.35
N ASP A 113 23.30 11.54 -15.49
CA ASP A 113 23.82 12.85 -15.84
C ASP A 113 25.18 13.12 -15.20
N ILE A 114 25.90 12.07 -14.76
CA ILE A 114 27.24 12.26 -14.25
C ILE A 114 28.14 12.28 -15.46
N GLU A 115 28.90 13.38 -15.65
CA GLU A 115 29.83 13.49 -16.77
C GLU A 115 31.27 13.17 -16.30
N ILE A 116 32.18 12.96 -17.25
CA ILE A 116 33.59 12.64 -16.98
C ILE A 116 34.44 13.90 -17.02
N PRO A 117 35.59 13.85 -16.32
CA PRO A 117 36.25 15.05 -15.75
C PRO A 117 35.37 16.05 -14.95
N LYS A 118 34.29 16.61 -15.55
CA LYS A 118 33.41 17.63 -14.94
C LYS A 118 32.89 17.31 -13.53
N HIS A 119 32.37 16.08 -13.31
CA HIS A 119 31.83 15.71 -11.99
C HIS A 119 32.76 14.78 -11.29
N ILE A 120 33.24 13.76 -12.00
CA ILE A 120 34.20 12.83 -11.41
C ILE A 120 35.49 12.91 -12.25
N PRO A 121 36.62 13.19 -11.57
CA PRO A 121 37.93 13.33 -12.25
C PRO A 121 38.34 12.23 -13.22
N GLU A 122 38.05 10.97 -12.86
CA GLU A 122 38.42 9.83 -13.70
C GLU A 122 37.43 8.65 -13.53
N ARG A 123 37.46 7.68 -14.45
CA ARG A 123 36.62 6.48 -14.35
C ARG A 123 36.97 5.71 -13.09
N VAL A 124 36.01 4.94 -12.57
CA VAL A 124 36.20 4.21 -11.32
C VAL A 124 36.37 2.72 -11.49
N SER A 125 36.92 2.10 -10.48
CA SER A 125 37.15 0.67 -10.49
C SER A 125 35.90 -0.07 -9.97
N LEU A 126 35.12 0.58 -9.10
CA LEU A 126 33.95 -0.07 -8.53
C LEU A 126 32.70 0.79 -8.53
N VAL A 127 31.59 0.21 -8.95
CA VAL A 127 30.30 0.83 -8.76
C VAL A 127 29.52 0.01 -7.76
N VAL A 128 28.95 0.67 -6.76
CA VAL A 128 28.11 0.02 -5.78
C VAL A 128 26.75 0.66 -5.87
N THR A 129 25.72 -0.17 -5.88
CA THR A 129 24.37 0.31 -5.98
C THR A 129 23.44 -0.49 -5.10
N GLU A 130 22.38 0.16 -4.71
CA GLU A 130 21.33 -0.45 -3.91
C GLU A 130 19.94 0.01 -4.42
N THR A 131 19.86 0.57 -5.64
CA THR A 131 18.61 1.09 -6.20
C THR A 131 17.79 -0.03 -6.78
N VAL A 132 17.19 -0.79 -5.87
CA VAL A 132 16.46 -2.00 -6.20
C VAL A 132 15.07 -1.98 -5.54
N ASP A 133 14.01 -2.40 -6.28
CA ASP A 133 12.64 -2.49 -5.72
C ASP A 133 12.27 -3.95 -5.52
N ALA A 134 11.02 -4.26 -5.08
CA ALA A 134 10.60 -5.66 -4.87
C ALA A 134 10.74 -6.56 -6.13
N GLY A 135 10.57 -5.97 -7.30
CA GLY A 135 10.71 -6.63 -8.60
C GLY A 135 12.05 -6.41 -9.29
N LEU A 136 13.08 -6.05 -8.50
CA LEU A 136 14.47 -5.85 -8.88
C LEU A 136 14.69 -4.63 -9.78
N PHE A 137 14.14 -4.66 -10.98
CA PHE A 137 14.37 -3.63 -12.01
C PHE A 137 13.63 -2.29 -11.91
N GLY A 138 12.64 -2.21 -11.02
CA GLY A 138 11.77 -1.05 -10.90
C GLY A 138 12.40 0.28 -10.56
N GLU A 139 13.63 0.29 -10.06
CA GLU A 139 14.33 1.54 -9.77
C GLU A 139 15.30 1.95 -10.94
N GLY A 140 15.25 1.27 -12.09
CA GLY A 140 16.10 1.59 -13.23
C GLY A 140 17.54 1.15 -13.05
N ILE A 141 17.75 0.00 -12.41
CA ILE A 141 19.11 -0.48 -12.20
C ILE A 141 19.82 -0.69 -13.52
N VAL A 142 19.13 -1.28 -14.49
CA VAL A 142 19.75 -1.62 -15.76
C VAL A 142 20.21 -0.37 -16.48
N GLU A 143 19.35 0.64 -16.60
CA GLU A 143 19.79 1.86 -17.27
C GLU A 143 20.96 2.50 -16.57
N SER A 144 20.95 2.52 -15.23
CA SER A 144 22.05 3.15 -14.51
C SER A 144 23.37 2.41 -14.75
N LEU A 145 23.31 1.08 -14.78
CA LEU A 145 24.49 0.28 -15.01
C LEU A 145 24.97 0.32 -16.45
N ILE A 146 24.07 0.42 -17.42
CA ILE A 146 24.53 0.56 -18.79
C ILE A 146 25.33 1.86 -18.89
N HIS A 147 24.77 2.97 -18.39
CA HIS A 147 25.46 4.24 -18.41
C HIS A 147 26.75 4.15 -17.66
N ALA A 148 26.73 3.52 -16.48
CA ALA A 148 27.95 3.39 -15.68
C ALA A 148 29.01 2.61 -16.46
N TRP A 149 28.63 1.54 -17.16
CA TRP A 149 29.60 0.78 -17.95
C TRP A 149 30.14 1.57 -19.14
N GLU A 150 29.28 2.28 -19.83
CA GLU A 150 29.67 3.01 -21.03
C GLU A 150 30.50 4.26 -20.76
N HIS A 151 30.28 4.96 -19.61
CA HIS A 151 30.97 6.22 -19.31
C HIS A 151 31.74 6.35 -18.00
N LEU A 152 31.39 5.61 -16.92
CA LEU A 152 31.98 5.83 -15.60
C LEU A 152 32.94 4.79 -15.12
N LEU A 153 32.74 3.55 -15.56
CA LEU A 153 33.56 2.42 -15.19
C LEU A 153 34.71 2.17 -16.12
N LEU A 154 35.78 1.64 -15.56
CA LEU A 154 36.90 1.17 -16.35
C LEU A 154 36.45 -0.04 -17.15
N GLN A 155 37.20 -0.42 -18.17
CA GLN A 155 36.81 -1.59 -18.95
C GLN A 155 36.73 -2.80 -18.02
N PRO A 156 35.83 -3.76 -18.32
CA PRO A 156 35.75 -4.99 -17.53
C PRO A 156 36.95 -5.90 -17.77
N LYS A 157 37.11 -6.91 -16.90
CA LYS A 157 38.19 -7.91 -16.97
C LYS A 157 38.24 -8.61 -18.36
N THR A 158 39.42 -8.58 -19.02
CA THR A 158 39.66 -9.16 -20.34
C THR A 158 40.20 -10.58 -20.20
N LYS A 167 43.77 -3.54 -13.41
CA LYS A 167 42.99 -2.31 -13.29
C LYS A 167 41.72 -2.39 -14.16
N TYR A 168 40.62 -2.82 -13.58
CA TYR A 168 39.38 -2.96 -14.36
C TYR A 168 38.11 -2.70 -13.55
N GLY A 169 37.03 -2.53 -14.30
CA GLY A 169 35.71 -2.25 -13.75
C GLY A 169 34.99 -3.44 -13.16
N LYS A 170 34.29 -3.18 -12.04
CA LYS A 170 33.43 -4.14 -11.37
C LYS A 170 32.22 -3.49 -10.72
N VAL A 171 31.10 -4.21 -10.70
CA VAL A 171 29.84 -3.79 -10.09
C VAL A 171 29.41 -4.70 -8.95
N ILE A 172 28.97 -4.08 -7.82
CA ILE A 172 28.32 -4.72 -6.70
C ILE A 172 26.89 -4.16 -6.71
N PRO A 173 25.84 -4.98 -6.77
CA PRO A 173 25.82 -6.44 -6.87
C PRO A 173 26.40 -6.94 -8.18
N ALA A 174 27.02 -8.09 -8.13
CA ALA A 174 27.59 -8.65 -9.34
C ALA A 174 26.50 -9.29 -10.20
N SER A 175 25.52 -9.93 -9.57
CA SER A 175 24.47 -10.61 -10.32
C SER A 175 23.23 -10.83 -9.51
N ALA A 176 22.19 -11.33 -10.14
CA ALA A 176 20.97 -11.61 -9.43
C ALA A 176 20.20 -12.74 -10.04
N VAL A 177 19.41 -13.42 -9.22
CA VAL A 177 18.52 -14.47 -9.70
C VAL A 177 17.12 -14.18 -9.20
N ILE A 178 16.16 -14.19 -10.12
CA ILE A 178 14.77 -13.92 -9.82
C ILE A 178 14.01 -15.23 -9.78
N PHE A 179 13.19 -15.39 -8.71
CA PHE A 179 12.37 -16.56 -8.46
C PHE A 179 10.89 -16.22 -8.41
N GLY A 180 10.08 -17.24 -8.65
CA GLY A 180 8.65 -17.10 -8.53
C GLY A 180 8.00 -18.33 -7.95
N MET A 181 6.73 -18.17 -7.60
CA MET A 181 5.89 -19.23 -7.08
C MET A 181 4.42 -18.86 -7.29
N ALA A 182 3.61 -19.80 -7.77
CA ALA A 182 2.20 -19.52 -7.96
C ALA A 182 1.49 -19.76 -6.61
N VAL A 183 0.69 -18.79 -6.14
CA VAL A 183 0.03 -18.93 -4.86
C VAL A 183 -1.45 -18.68 -4.90
N GLU A 184 -2.09 -19.15 -3.81
CA GLU A 184 -3.45 -18.89 -3.42
C GLU A 184 -3.30 -17.92 -2.25
N CYS A 185 -4.02 -16.80 -2.28
CA CYS A 185 -3.95 -15.77 -1.23
C CYS A 185 -5.17 -14.93 -1.35
N ALA A 186 -6.20 -15.24 -0.59
CA ALA A 186 -7.46 -14.53 -0.73
C ALA A 186 -7.34 -13.04 -0.44
N GLU A 187 -6.33 -12.63 0.33
CA GLU A 187 -6.13 -11.22 0.59
C GLU A 187 -5.83 -10.49 -0.71
N ILE A 188 -5.02 -11.10 -1.55
CA ILE A 188 -4.74 -10.54 -2.86
C ILE A 188 -6.01 -10.64 -3.74
N ARG A 189 -6.66 -11.81 -3.75
CA ARG A 189 -7.85 -12.07 -4.56
C ARG A 189 -8.92 -10.97 -4.41
N ARG A 190 -9.23 -10.60 -3.16
CA ARG A 190 -10.29 -9.63 -2.91
C ARG A 190 -9.94 -8.22 -3.38
N HIS A 191 -8.68 -7.94 -3.69
CA HIS A 191 -8.28 -6.64 -4.21
C HIS A 191 -8.10 -6.63 -5.75
N HIS A 192 -8.10 -7.77 -6.45
CA HIS A 192 -7.90 -7.71 -7.91
C HIS A 192 -8.96 -8.43 -8.69
N ARG A 193 -9.91 -9.08 -7.99
CA ARG A 193 -10.90 -9.86 -8.69
C ARG A 193 -12.26 -9.81 -7.93
N VAL A 194 -13.36 -9.46 -8.65
CA VAL A 194 -14.71 -9.41 -8.06
C VAL A 194 -15.22 -10.85 -8.00
N GLY A 195 -15.49 -11.33 -6.80
CA GLY A 195 -15.86 -12.73 -6.60
C GLY A 195 -17.31 -13.09 -6.50
N ILE A 196 -18.24 -12.17 -6.74
CA ILE A 196 -19.67 -12.46 -6.60
C ILE A 196 -20.45 -11.97 -7.76
N LYS A 197 -21.45 -12.74 -8.16
CA LYS A 197 -22.31 -12.36 -9.27
C LYS A 197 -23.57 -11.66 -8.73
N ASP A 198 -23.83 -11.76 -7.42
CA ASP A 198 -24.99 -11.15 -6.80
C ASP A 198 -24.62 -10.62 -5.44
N ILE A 199 -25.09 -9.44 -5.11
CA ILE A 199 -24.77 -8.84 -3.82
C ILE A 199 -25.87 -7.98 -3.31
N ALA A 200 -26.33 -8.21 -2.09
CA ALA A 200 -27.32 -7.35 -1.45
C ALA A 200 -28.55 -7.06 -2.34
N GLY A 201 -29.08 -8.08 -3.00
CA GLY A 201 -30.28 -7.94 -3.82
C GLY A 201 -30.10 -7.44 -5.25
N ILE A 202 -28.84 -7.19 -5.70
CA ILE A 202 -28.61 -6.74 -7.07
C ILE A 202 -27.73 -7.71 -7.78
N HIS A 203 -27.99 -7.87 -9.06
CA HIS A 203 -27.21 -8.73 -9.91
C HIS A 203 -26.10 -7.90 -10.57
N LEU A 204 -24.88 -8.47 -10.65
CA LEU A 204 -23.79 -7.85 -11.40
C LEU A 204 -23.71 -8.70 -12.66
N PRO A 205 -24.03 -8.14 -13.82
CA PRO A 205 -24.04 -8.94 -15.05
C PRO A 205 -22.69 -9.30 -15.60
N THR A 206 -22.69 -10.40 -16.36
CA THR A 206 -21.51 -10.96 -17.00
C THR A 206 -20.91 -10.03 -18.04
N ASN A 207 -21.74 -9.24 -18.72
CA ASN A 207 -21.24 -8.33 -19.75
C ASN A 207 -20.46 -7.11 -19.17
N VAL A 208 -20.25 -7.05 -17.82
CA VAL A 208 -19.42 -6.02 -17.20
C VAL A 208 -18.28 -6.75 -16.53
N LYS A 209 -17.11 -6.72 -17.14
CA LYS A 209 -15.95 -7.41 -16.59
C LYS A 209 -15.13 -6.38 -15.80
N PHE A 210 -14.95 -6.61 -14.51
CA PHE A 210 -14.18 -5.69 -13.70
C PHE A 210 -12.72 -6.10 -13.66
N GLN A 211 -11.77 -5.14 -13.74
CA GLN A 211 -10.34 -5.48 -13.67
C GLN A 211 -9.60 -4.46 -12.81
N SER A 212 -8.47 -4.86 -12.22
CA SER A 212 -7.66 -3.93 -11.45
C SER A 212 -6.68 -3.24 -12.40
N PRO A 213 -5.92 -2.25 -11.89
CA PRO A 213 -4.90 -1.59 -12.73
C PRO A 213 -3.73 -2.50 -13.15
N ALA A 214 -3.55 -3.68 -12.52
CA ALA A 214 -2.51 -4.63 -12.90
C ALA A 214 -3.03 -5.65 -13.94
N TYR A 215 -3.67 -5.17 -15.02
CA TYR A 215 -4.27 -6.00 -16.07
C TYR A 215 -3.78 -5.58 -17.46
N SER A 216 -3.53 -6.55 -18.36
CA SER A 216 -3.03 -6.30 -19.72
N GLU A 222 0.25 -1.06 -23.00
CA GLU A 222 0.99 -1.47 -21.81
C GLU A 222 0.15 -1.24 -20.55
N THR A 223 0.30 -2.13 -19.54
CA THR A 223 -0.46 -2.01 -18.29
C THR A 223 0.12 -0.94 -17.36
N ILE A 224 -0.74 -0.48 -16.44
CA ILE A 224 -0.40 0.55 -15.45
C ILE A 224 0.61 0.03 -14.40
N GLU A 225 0.16 -0.87 -13.51
CA GLU A 225 0.94 -1.45 -12.43
C GLU A 225 1.29 -2.84 -12.86
N PRO A 226 2.49 -3.12 -13.36
CA PRO A 226 2.80 -4.52 -13.70
C PRO A 226 2.66 -5.43 -12.48
N TYR A 227 2.88 -4.91 -11.25
CA TYR A 227 2.78 -5.69 -10.03
C TYR A 227 2.60 -4.80 -8.83
N THR A 228 2.16 -5.39 -7.72
CA THR A 228 2.04 -4.69 -6.46
C THR A 228 3.15 -5.24 -5.60
N THR A 229 3.38 -4.64 -4.46
CA THR A 229 4.41 -5.11 -3.57
C THR A 229 3.75 -5.43 -2.26
N GLU A 230 4.10 -6.58 -1.65
CA GLU A 230 3.47 -6.98 -0.40
C GLU A 230 4.41 -7.75 0.50
N LYS A 231 4.20 -7.62 1.80
CA LYS A 231 4.96 -8.37 2.81
C LYS A 231 4.29 -9.75 2.98
N MET A 232 4.50 -10.68 2.04
CA MET A 232 3.82 -11.99 2.06
C MET A 232 4.00 -12.79 3.39
N SER A 233 5.07 -12.49 4.17
CA SER A 233 5.31 -13.08 5.50
C SER A 233 4.17 -12.72 6.45
N ARG A 234 3.58 -11.55 6.26
CA ARG A 234 2.51 -11.02 7.10
C ARG A 234 1.20 -10.83 6.35
N VAL A 235 1.04 -11.36 5.16
CA VAL A 235 -0.19 -11.06 4.47
C VAL A 235 -1.40 -11.65 5.22
N PRO A 236 -2.38 -10.80 5.55
CA PRO A 236 -3.59 -11.27 6.26
C PRO A 236 -4.21 -12.53 5.63
N GLY A 237 -4.51 -13.51 6.46
CA GLY A 237 -5.02 -14.80 6.01
C GLY A 237 -3.96 -15.79 5.55
N GLY A 238 -2.76 -15.28 5.21
CA GLY A 238 -1.66 -16.10 4.72
C GLY A 238 -1.77 -16.40 3.24
N TYR A 239 -0.96 -17.38 2.80
CA TYR A 239 -0.96 -17.80 1.41
C TYR A 239 -0.54 -19.25 1.34
N LEU A 240 -0.88 -19.92 0.23
CA LEU A 240 -0.52 -21.32 -0.05
C LEU A 240 0.19 -21.43 -1.35
N ALA A 241 1.20 -22.29 -1.37
CA ALA A 241 2.02 -22.54 -2.54
C ALA A 241 1.34 -23.61 -3.40
N LEU A 242 1.05 -23.27 -4.66
CA LEU A 242 0.41 -24.18 -5.62
C LEU A 242 1.43 -24.84 -6.55
N THR A 243 2.65 -24.26 -6.59
CA THR A 243 3.79 -24.78 -7.34
C THR A 243 4.98 -24.77 -6.40
N GLU A 244 6.09 -25.37 -6.83
CA GLU A 244 7.36 -25.23 -6.13
C GLU A 244 7.95 -23.86 -6.58
N CYS A 245 9.06 -23.46 -5.95
CA CYS A 245 9.80 -22.26 -6.32
C CYS A 245 10.41 -22.55 -7.67
N PHE A 246 10.50 -21.54 -8.52
CA PHE A 246 11.13 -21.73 -9.82
C PHE A 246 11.92 -20.50 -10.25
N GLU A 247 12.94 -20.67 -11.08
CA GLU A 247 13.75 -19.56 -11.56
C GLU A 247 13.06 -18.93 -12.74
N ILE A 248 12.98 -17.61 -12.73
CA ILE A 248 12.39 -16.84 -13.78
C ILE A 248 13.47 -16.35 -14.67
N MET A 249 14.49 -15.72 -14.08
CA MET A 249 15.62 -15.27 -14.89
C MET A 249 16.80 -14.96 -14.05
N THR A 250 17.93 -14.84 -14.73
CA THR A 250 19.21 -14.48 -14.14
C THR A 250 19.75 -13.25 -14.85
N VAL A 251 20.42 -12.37 -14.11
CA VAL A 251 21.04 -11.20 -14.73
C VAL A 251 22.48 -11.03 -14.22
N ASP A 252 23.43 -10.74 -15.14
CA ASP A 252 24.82 -10.46 -14.80
C ASP A 252 25.03 -8.96 -14.90
N PHE A 253 25.19 -8.29 -13.76
CA PHE A 253 25.37 -6.83 -13.80
C PHE A 253 26.76 -6.43 -14.23
N ASN A 254 27.71 -7.39 -14.33
CA ASN A 254 29.07 -7.09 -14.82
C ASN A 254 29.21 -7.34 -16.32
N ASN A 255 28.09 -7.53 -17.03
CA ASN A 255 28.09 -7.82 -18.44
C ASN A 255 27.30 -6.78 -19.21
N LEU A 256 28.01 -5.81 -19.79
CA LEU A 256 27.31 -4.78 -20.57
C LEU A 256 26.46 -5.34 -21.72
N GLN A 257 27.00 -6.29 -22.49
CA GLN A 257 26.23 -6.80 -23.63
C GLN A 257 24.89 -7.31 -23.18
N GLU A 258 24.90 -8.14 -22.13
CA GLU A 258 23.70 -8.73 -21.58
C GLU A 258 22.75 -7.66 -21.12
N LEU A 259 23.24 -6.66 -20.41
CA LEU A 259 22.35 -5.60 -19.95
C LEU A 259 21.69 -4.86 -21.13
N LYS A 260 22.49 -4.52 -22.16
CA LYS A 260 21.96 -3.85 -23.37
C LYS A 260 20.96 -4.76 -24.09
N SER A 261 21.23 -6.06 -24.06
CA SER A 261 20.38 -7.04 -24.71
C SER A 261 18.96 -7.14 -24.16
N LEU A 262 18.73 -6.86 -22.86
CA LEU A 262 17.40 -7.07 -22.26
C LEU A 262 16.27 -6.31 -22.90
N ALA A 263 16.54 -5.11 -23.41
CA ALA A 263 15.53 -4.30 -24.08
C ALA A 263 14.97 -4.98 -25.34
N THR A 264 15.81 -5.78 -26.00
CA THR A 264 15.53 -6.46 -27.26
C THR A 264 15.17 -7.93 -27.08
N LYS A 265 15.47 -8.49 -25.90
CA LYS A 265 15.28 -9.90 -25.62
C LYS A 265 13.87 -10.31 -25.89
N LYS A 266 13.73 -11.44 -26.58
CA LYS A 266 12.41 -11.96 -26.83
C LYS A 266 11.86 -12.47 -25.50
N PRO A 267 10.55 -12.37 -25.30
CA PRO A 267 9.94 -12.95 -24.07
C PRO A 267 10.22 -14.45 -23.89
N ASP A 268 10.33 -14.90 -22.62
CA ASP A 268 10.56 -16.30 -22.23
C ASP A 268 9.21 -16.97 -21.93
N LYS A 269 8.88 -18.08 -22.61
CA LYS A 269 7.65 -18.81 -22.29
C LYS A 269 8.04 -19.89 -21.29
N ILE A 270 7.34 -19.88 -20.18
CA ILE A 270 7.58 -20.72 -19.03
C ILE A 270 6.31 -21.54 -18.72
N GLY A 271 6.50 -22.81 -18.41
CA GLY A 271 5.43 -23.71 -18.05
C GLY A 271 5.81 -24.36 -16.74
N ILE A 272 4.99 -24.20 -15.68
CA ILE A 272 5.29 -24.68 -14.33
C ILE A 272 4.25 -25.66 -13.77
N PRO A 273 4.67 -26.87 -13.37
CA PRO A 273 3.73 -27.86 -12.82
C PRO A 273 3.16 -27.55 -11.43
N VAL A 274 1.86 -27.78 -11.29
CA VAL A 274 1.11 -27.58 -10.06
C VAL A 274 1.26 -28.78 -9.16
N ILE A 275 1.59 -28.52 -7.90
CA ILE A 275 1.79 -29.54 -6.88
C ILE A 275 0.66 -29.56 -5.84
N LYS A 276 -0.28 -28.60 -5.89
CA LYS A 276 -1.32 -28.55 -4.88
C LYS A 276 -2.63 -28.02 -5.46
N GLU A 277 -3.70 -28.61 -5.00
CA GLU A 277 -5.03 -28.26 -5.42
C GLU A 277 -5.38 -26.89 -4.81
N GLY A 278 -5.86 -25.94 -5.62
CA GLY A 278 -6.20 -24.62 -5.12
C GLY A 278 -6.69 -23.58 -6.10
N ILE A 279 -6.88 -22.35 -5.60
CA ILE A 279 -7.32 -21.20 -6.37
C ILE A 279 -6.11 -20.36 -6.69
N LEU A 280 -5.81 -20.22 -7.96
CA LEU A 280 -4.67 -19.47 -8.38
C LEU A 280 -4.92 -18.01 -8.25
N ASP A 281 -4.23 -17.34 -7.31
CA ASP A 281 -4.41 -15.90 -7.08
C ASP A 281 -3.29 -15.01 -7.57
N ALA A 282 -2.04 -15.46 -7.53
CA ALA A 282 -0.98 -14.58 -7.98
C ALA A 282 0.30 -15.31 -8.15
N ILE A 283 1.22 -14.69 -8.90
CA ILE A 283 2.58 -15.20 -9.00
C ILE A 283 3.38 -14.34 -8.04
N MET A 284 4.04 -14.97 -7.11
CA MET A 284 4.80 -14.26 -6.12
C MET A 284 6.21 -14.32 -6.60
N VAL A 285 6.85 -13.16 -6.72
CA VAL A 285 8.19 -13.02 -7.24
C VAL A 285 9.12 -12.36 -6.23
N TRP A 286 10.31 -12.92 -6.08
CA TRP A 286 11.32 -12.38 -5.18
C TRP A 286 12.68 -12.60 -5.84
N PHE A 287 13.75 -12.13 -5.21
CA PHE A 287 15.06 -12.31 -5.83
C PHE A 287 16.20 -12.44 -4.89
N VAL A 288 17.30 -12.84 -5.46
CA VAL A 288 18.53 -13.00 -4.74
C VAL A 288 19.70 -12.22 -5.37
N LEU A 289 20.36 -11.40 -4.57
CA LEU A 289 21.50 -10.61 -5.05
C LEU A 289 22.78 -11.30 -4.66
N GLN A 290 23.63 -11.52 -5.64
CA GLN A 290 24.94 -12.09 -5.38
C GLN A 290 25.85 -10.89 -5.39
N LEU A 291 26.30 -10.46 -4.22
CA LEU A 291 27.16 -9.27 -4.13
C LEU A 291 28.54 -9.64 -4.57
N ASP A 292 28.96 -10.87 -4.24
CA ASP A 292 30.22 -11.45 -4.68
C ASP A 292 30.14 -12.96 -4.47
N ASP A 293 31.20 -13.72 -4.72
CA ASP A 293 31.14 -15.18 -4.57
C ASP A 293 30.73 -15.71 -3.19
N GLU A 294 30.95 -14.94 -2.12
CA GLU A 294 30.69 -15.40 -0.76
C GLU A 294 29.55 -14.70 -0.05
N HIS A 295 28.93 -13.70 -0.68
CA HIS A 295 27.90 -12.94 0.03
C HIS A 295 26.70 -12.71 -0.80
N SER A 296 25.54 -12.79 -0.15
CA SER A 296 24.28 -12.61 -0.84
C SER A 296 23.15 -12.17 0.04
N LEU A 297 22.14 -11.58 -0.60
CA LEU A 297 20.92 -11.07 0.02
C LEU A 297 19.70 -11.61 -0.68
N SER A 298 18.66 -11.91 0.09
CA SER A 298 17.45 -12.44 -0.48
C SER A 298 16.26 -11.67 -0.01
N THR A 299 15.24 -11.59 -0.85
CA THR A 299 13.97 -10.98 -0.49
C THR A 299 12.88 -12.05 -0.41
N SER A 300 13.28 -13.32 -0.28
CA SER A 300 12.34 -14.42 -0.18
C SER A 300 11.46 -14.23 1.01
N PRO A 301 10.18 -14.60 0.91
CA PRO A 301 9.29 -14.51 2.08
C PRO A 301 9.79 -15.35 3.24
N SER A 302 10.49 -16.44 2.91
CA SER A 302 11.06 -17.39 3.84
C SER A 302 12.19 -16.82 4.73
N GLU A 303 12.72 -15.61 4.45
CA GLU A 303 13.75 -15.01 5.30
C GLU A 303 13.19 -14.53 6.63
N GLU A 304 14.08 -14.45 7.62
CA GLU A 304 13.76 -13.91 8.95
C GLU A 304 13.50 -12.40 8.85
N THR A 305 14.12 -11.70 7.86
CA THR A 305 13.84 -10.28 7.65
C THR A 305 12.58 -10.21 6.79
N CYS A 306 11.72 -9.26 7.09
CA CYS A 306 10.54 -9.07 6.30
C CYS A 306 10.84 -8.14 5.13
N TRP A 307 10.73 -8.66 3.90
CA TRP A 307 10.96 -7.87 2.70
C TRP A 307 9.71 -7.91 1.87
N GLU A 308 9.53 -6.93 0.99
CA GLU A 308 8.39 -6.98 0.09
C GLU A 308 8.76 -7.89 -1.09
N GLN A 309 7.74 -8.54 -1.66
CA GLN A 309 7.85 -9.37 -2.84
C GLN A 309 7.06 -8.70 -3.91
N ALA A 310 7.43 -8.94 -5.15
CA ALA A 310 6.67 -8.43 -6.27
C ALA A 310 5.49 -9.39 -6.44
N VAL A 311 4.28 -8.84 -6.57
CA VAL A 311 3.09 -9.66 -6.65
C VAL A 311 2.35 -9.39 -7.92
N TYR A 312 2.16 -10.46 -8.71
CA TYR A 312 1.48 -10.38 -10.00
C TYR A 312 0.15 -11.08 -9.89
N PRO A 313 -0.91 -10.30 -9.71
CA PRO A 313 -2.24 -10.88 -9.59
C PRO A 313 -2.61 -11.66 -10.81
N VAL A 314 -3.41 -12.67 -10.61
CA VAL A 314 -3.92 -13.47 -11.70
C VAL A 314 -5.39 -13.13 -11.86
N GLN A 315 -5.73 -12.63 -13.03
CA GLN A 315 -7.09 -12.28 -13.37
C GLN A 315 -7.27 -12.54 -14.88
N ASP A 316 -8.50 -12.42 -15.37
CA ASP A 316 -8.85 -12.64 -16.78
C ASP A 316 -8.83 -14.12 -17.20
N LEU A 317 -9.34 -15.03 -16.35
CA LEU A 317 -9.47 -16.46 -16.66
C LEU A 317 -10.89 -16.91 -16.41
N ALA A 318 -11.35 -17.93 -17.15
CA ALA A 318 -12.72 -18.45 -16.97
C ALA A 318 -12.82 -19.33 -15.72
N ASP A 319 -11.66 -19.81 -15.24
CA ASP A 319 -11.55 -20.71 -14.10
C ASP A 319 -10.22 -20.46 -13.44
N TYR A 320 -10.21 -20.34 -12.11
CA TYR A 320 -9.00 -20.11 -11.33
C TYR A 320 -8.61 -21.33 -10.55
N TRP A 321 -9.41 -22.40 -10.64
CA TRP A 321 -9.17 -23.62 -9.90
C TRP A 321 -8.15 -24.47 -10.59
N ILE A 322 -7.08 -24.84 -9.89
CA ILE A 322 -6.01 -25.64 -10.47
C ILE A 322 -5.75 -26.88 -9.66
N LYS A 323 -5.37 -27.95 -10.31
CA LYS A 323 -5.16 -29.21 -9.62
C LYS A 323 -3.84 -29.81 -10.03
N PRO A 324 -3.24 -30.67 -9.18
CA PRO A 324 -1.97 -31.30 -9.55
C PRO A 324 -2.08 -31.98 -10.91
N GLY A 325 -1.05 -31.79 -11.72
CA GLY A 325 -1.02 -32.27 -13.10
C GLY A 325 -1.21 -31.14 -14.10
N ASP A 326 -1.81 -30.02 -13.68
CA ASP A 326 -2.00 -28.86 -14.54
C ASP A 326 -0.69 -28.06 -14.63
N HIS A 327 -0.59 -27.13 -15.60
CA HIS A 327 0.57 -26.28 -15.70
C HIS A 327 0.19 -24.83 -15.72
N VAL A 328 0.97 -23.99 -15.02
CA VAL A 328 0.77 -22.55 -15.06
C VAL A 328 1.70 -22.06 -16.14
N MET A 329 1.15 -21.49 -17.21
CA MET A 329 1.96 -20.98 -18.31
C MET A 329 2.10 -19.49 -18.15
N MET A 330 3.21 -18.92 -18.59
CA MET A 330 3.36 -17.47 -18.51
C MET A 330 4.50 -16.94 -19.39
N GLU A 331 4.37 -15.70 -19.91
CA GLU A 331 5.44 -15.05 -20.70
C GLU A 331 6.16 -14.06 -19.82
N VAL A 332 7.49 -14.13 -19.80
CA VAL A 332 8.26 -13.20 -19.01
C VAL A 332 9.10 -12.30 -19.92
N SER A 333 9.03 -10.99 -19.71
CA SER A 333 9.81 -10.04 -20.48
C SER A 333 10.30 -8.95 -19.56
N CYS A 334 11.36 -8.29 -19.98
CA CYS A 334 12.06 -7.19 -19.29
C CYS A 334 12.04 -5.91 -20.13
N GLN A 335 11.43 -5.94 -21.29
CA GLN A 335 11.59 -4.94 -22.33
C GLN A 335 11.21 -3.49 -21.99
N ASP A 336 10.07 -3.31 -21.31
CA ASP A 336 9.52 -1.99 -20.99
C ASP A 336 9.77 -1.56 -19.52
N CYS A 337 11.07 -1.37 -19.14
CA CYS A 337 11.54 -0.89 -17.81
C CYS A 337 11.28 -1.81 -16.57
N TYR A 338 10.36 -2.78 -16.65
CA TYR A 338 9.99 -3.64 -15.52
C TYR A 338 9.95 -5.08 -15.90
N LEU A 339 10.10 -5.94 -14.89
CA LEU A 339 9.92 -7.36 -15.07
C LEU A 339 8.44 -7.57 -15.25
N ARG A 340 8.03 -8.19 -16.34
CA ARG A 340 6.62 -8.40 -16.57
C ARG A 340 6.31 -9.85 -16.78
N ILE A 341 5.27 -10.32 -16.10
CA ILE A 341 4.75 -11.67 -16.23
C ILE A 341 3.36 -11.48 -16.82
N GLN A 342 3.16 -12.00 -18.02
CA GLN A 342 1.96 -11.74 -18.77
C GLN A 342 1.32 -12.97 -19.31
N SER A 343 0.08 -12.83 -19.74
CA SER A 343 -0.66 -13.91 -20.39
C SER A 343 -0.61 -15.21 -19.59
N ILE A 344 -0.98 -15.15 -18.31
CA ILE A 344 -0.94 -16.33 -17.46
C ILE A 344 -2.12 -17.25 -17.73
N SER A 345 -1.84 -18.51 -18.12
CA SER A 345 -2.86 -19.52 -18.38
C SER A 345 -2.67 -20.69 -17.44
N VAL A 346 -3.71 -21.48 -17.23
CA VAL A 346 -3.67 -22.58 -16.28
C VAL A 346 -4.12 -23.85 -16.94
N LEU A 347 -3.47 -24.22 -18.00
CA LEU A 347 -3.95 -25.33 -18.81
C LEU A 347 -3.35 -26.70 -18.41
N GLY A 348 -4.24 -27.71 -18.35
CA GLY A 348 -3.88 -29.05 -17.92
C GLY A 348 -4.75 -30.12 -18.54
N GLU A 390 -20.19 -6.37 -23.64
CA GLU A 390 -19.05 -6.99 -22.97
C GLU A 390 -18.06 -5.89 -22.64
N GLN A 391 -18.48 -5.02 -21.71
CA GLN A 391 -17.74 -3.88 -21.23
C GLN A 391 -16.63 -4.23 -20.26
N THR A 392 -15.45 -3.65 -20.43
CA THR A 392 -14.40 -3.84 -19.43
C THR A 392 -14.37 -2.59 -18.60
N CYS A 393 -14.46 -2.75 -17.27
CA CYS A 393 -14.44 -1.62 -16.35
C CYS A 393 -13.26 -1.76 -15.39
N ILE A 394 -12.26 -0.88 -15.52
CA ILE A 394 -11.07 -0.89 -14.67
C ILE A 394 -11.39 -0.13 -13.39
N LEU A 395 -11.11 -0.77 -12.24
CA LEU A 395 -11.35 -0.24 -10.89
C LEU A 395 -10.07 -0.24 -10.09
N GLU A 396 -9.97 0.64 -9.10
CA GLU A 396 -8.83 0.65 -8.19
C GLU A 396 -8.97 -0.56 -7.32
N SER A 397 -7.88 -1.03 -6.76
CA SER A 397 -7.97 -2.16 -5.86
C SER A 397 -8.92 -1.88 -4.69
N THR A 398 -8.98 -0.63 -4.18
CA THR A 398 -9.91 -0.33 -3.10
C THR A 398 -11.35 -0.58 -3.54
N GLU A 399 -11.67 -0.15 -4.75
CA GLU A 399 -13.02 -0.31 -5.31
C GLU A 399 -13.38 -1.78 -5.53
N ILE A 400 -12.39 -2.62 -5.78
CA ILE A 400 -12.63 -4.04 -5.92
C ILE A 400 -12.87 -4.63 -4.54
N ALA A 401 -12.03 -4.25 -3.57
CA ALA A 401 -12.19 -4.71 -2.20
C ALA A 401 -13.57 -4.29 -1.71
N LEU A 402 -14.00 -3.07 -2.05
CA LEU A 402 -15.32 -2.60 -1.71
C LEU A 402 -16.38 -3.52 -2.22
N LEU A 403 -16.38 -3.83 -3.53
CA LEU A 403 -17.40 -4.72 -4.09
C LEU A 403 -17.37 -6.10 -3.44
N ASN A 404 -16.21 -6.55 -2.89
CA ASN A 404 -16.14 -7.84 -2.21
C ASN A 404 -16.52 -7.79 -0.71
N ASN A 405 -16.82 -6.60 -0.19
CA ASN A 405 -17.17 -6.40 1.19
C ASN A 405 -18.67 -6.61 1.37
N ILE A 406 -19.08 -7.84 1.57
CA ILE A 406 -20.52 -8.10 1.60
C ILE A 406 -21.27 -7.48 2.78
N PRO A 407 -20.82 -7.62 4.03
CA PRO A 407 -21.54 -7.00 5.15
C PRO A 407 -21.83 -5.53 4.92
N TYR A 408 -20.89 -4.83 4.27
CA TYR A 408 -21.07 -3.44 3.96
C TYR A 408 -22.33 -3.27 3.13
N HIS A 409 -22.45 -4.02 2.04
CA HIS A 409 -23.60 -3.83 1.16
C HIS A 409 -24.87 -4.39 1.80
N GLU A 410 -24.78 -5.49 2.53
CA GLU A 410 -25.96 -6.02 3.25
C GLU A 410 -26.41 -5.03 4.34
N GLY A 411 -25.45 -4.35 4.95
CA GLY A 411 -25.71 -3.33 5.97
C GLY A 411 -26.49 -2.18 5.39
N PHE A 412 -26.01 -1.62 4.26
CA PHE A 412 -26.73 -0.54 3.63
C PHE A 412 -28.12 -0.94 3.19
N LYS A 413 -28.29 -2.12 2.56
CA LYS A 413 -29.61 -2.56 2.11
C LYS A 413 -30.62 -2.45 3.23
N MET A 414 -30.32 -3.09 4.37
CA MET A 414 -31.18 -3.08 5.54
C MET A 414 -31.38 -1.69 6.09
N ALA A 415 -30.30 -0.92 6.26
CA ALA A 415 -30.46 0.43 6.81
C ALA A 415 -31.32 1.35 5.94
N MET A 416 -31.22 1.22 4.61
CA MET A 416 -32.01 2.04 3.71
C MET A 416 -33.50 1.61 3.79
N SER A 417 -33.78 0.30 3.78
CA SER A 417 -35.16 -0.18 3.88
C SER A 417 -35.83 0.27 5.16
N LYS A 418 -35.09 0.29 6.27
CA LYS A 418 -35.68 0.71 7.53
C LYS A 418 -36.07 2.18 7.50
N VAL A 419 -35.28 3.03 6.85
CA VAL A 419 -35.66 4.43 6.72
C VAL A 419 -36.85 4.54 5.82
N LEU A 420 -36.81 3.87 4.70
CA LEU A 420 -37.89 4.01 3.77
C LEU A 420 -39.21 3.55 4.34
N SER A 421 -39.26 2.45 5.09
CA SER A 421 -40.57 2.10 5.64
C SER A 421 -41.01 3.00 6.81
N SER A 422 -40.08 3.72 7.45
CA SER A 422 -40.44 4.66 8.51
C SER A 422 -41.25 5.80 7.88
N LEU A 423 -40.77 6.21 6.71
CA LEU A 423 -41.33 7.30 5.96
C LEU A 423 -42.56 6.89 5.16
N THR A 424 -42.42 6.00 4.17
CA THR A 424 -43.55 5.63 3.31
C THR A 424 -43.56 4.13 2.99
N PRO A 425 -44.17 3.36 3.89
CA PRO A 425 -44.30 1.91 3.67
C PRO A 425 -44.87 1.50 2.33
N GLU A 426 -45.82 2.23 1.79
CA GLU A 426 -46.42 1.86 0.49
C GLU A 426 -45.39 1.83 -0.62
N LYS A 427 -44.43 2.75 -0.55
CA LYS A 427 -43.40 2.90 -1.58
C LYS A 427 -42.26 1.90 -1.45
N LEU A 428 -42.25 1.10 -0.38
CA LEU A 428 -41.23 0.08 -0.21
C LEU A 428 -41.74 -1.23 -0.80
N TYR A 429 -40.94 -1.91 -1.62
CA TYR A 429 -41.36 -3.16 -2.24
C TYR A 429 -41.32 -4.32 -1.27
N GLN A 451 -48.99 11.75 1.20
CA GLN A 451 -48.87 10.62 0.29
C GLN A 451 -48.84 11.08 -1.17
N ASN A 452 -48.04 10.42 -2.01
CA ASN A 452 -47.93 10.86 -3.40
C ASN A 452 -47.32 9.78 -4.31
N ILE A 453 -48.15 9.20 -5.18
CA ILE A 453 -47.70 8.18 -6.15
C ILE A 453 -46.65 8.66 -7.15
N LEU A 454 -46.57 9.97 -7.41
CA LEU A 454 -45.60 10.51 -8.37
C LEU A 454 -44.28 10.89 -7.69
N GLU A 455 -44.23 10.85 -6.34
CA GLU A 455 -43.04 11.29 -5.62
C GLU A 455 -42.15 10.12 -5.17
N PRO A 456 -40.93 10.05 -5.70
CA PRO A 456 -40.00 8.99 -5.30
C PRO A 456 -39.28 9.37 -4.02
N PHE A 457 -38.71 8.40 -3.31
CA PHE A 457 -37.84 8.77 -2.21
C PHE A 457 -36.59 9.28 -2.91
N TYR A 458 -36.06 10.43 -2.56
CA TYR A 458 -34.83 10.86 -3.21
C TYR A 458 -33.63 10.42 -2.37
N VAL A 459 -32.68 9.69 -2.99
CA VAL A 459 -31.47 9.21 -2.29
C VAL A 459 -30.22 9.69 -2.96
N LEU A 460 -29.32 10.33 -2.20
CA LEU A 460 -28.07 10.80 -2.77
C LEU A 460 -26.87 10.08 -2.18
N ASP A 461 -26.10 9.43 -3.05
CA ASP A 461 -24.86 8.80 -2.65
C ASP A 461 -23.70 9.75 -2.96
N VAL A 462 -22.97 10.25 -1.94
CA VAL A 462 -21.84 11.16 -2.11
C VAL A 462 -20.51 10.43 -1.86
N SER A 463 -20.43 9.17 -2.30
CA SER A 463 -19.22 8.35 -2.17
C SER A 463 -18.17 8.91 -3.11
N GLU A 464 -16.90 8.82 -2.71
CA GLU A 464 -15.82 9.39 -3.50
C GLU A 464 -15.57 8.71 -4.86
N GLY A 465 -15.64 7.38 -4.92
CA GLY A 465 -15.36 6.65 -6.16
C GLY A 465 -16.50 5.77 -6.61
N PHE A 466 -16.17 4.62 -7.19
CA PHE A 466 -17.18 3.71 -7.69
C PHE A 466 -18.07 3.23 -6.57
N SER A 467 -19.39 3.21 -6.80
CA SER A 467 -20.35 2.74 -5.80
C SER A 467 -21.62 2.14 -6.41
N VAL A 468 -22.14 1.11 -5.77
CA VAL A 468 -23.36 0.43 -6.23
C VAL A 468 -24.48 0.67 -5.28
N LEU A 469 -24.24 1.48 -4.26
CA LEU A 469 -25.30 1.76 -3.32
C LEU A 469 -26.55 2.34 -4.01
N PRO A 470 -26.43 3.20 -5.03
CA PRO A 470 -27.61 3.72 -5.75
C PRO A 470 -28.46 2.64 -6.42
N VAL A 471 -27.85 1.54 -6.81
CA VAL A 471 -28.60 0.48 -7.47
C VAL A 471 -29.35 -0.32 -6.42
N ILE A 472 -28.67 -0.59 -5.32
CA ILE A 472 -29.28 -1.32 -4.23
C ILE A 472 -30.50 -0.54 -3.77
N ALA A 473 -30.36 0.77 -3.64
CA ALA A 473 -31.45 1.69 -3.25
C ALA A 473 -32.67 1.56 -4.16
N GLY A 474 -32.41 1.67 -5.46
CA GLY A 474 -33.42 1.60 -6.52
C GLY A 474 -34.19 0.31 -6.53
N THR A 475 -33.55 -0.80 -6.13
CA THR A 475 -34.26 -2.08 -6.06
C THR A 475 -35.17 -2.17 -4.84
N LEU A 476 -35.05 -1.29 -3.82
CA LEU A 476 -35.87 -1.41 -2.59
C LEU A 476 -37.28 -0.92 -2.69
N GLY A 477 -37.54 0.05 -3.56
CA GLY A 477 -38.84 0.67 -3.68
C GLY A 477 -38.95 1.75 -4.74
N GLN A 478 -39.98 2.59 -4.59
CA GLN A 478 -40.17 3.73 -5.48
C GLN A 478 -39.15 4.80 -5.07
N VAL A 479 -37.91 4.58 -5.52
CA VAL A 479 -36.73 5.36 -5.17
C VAL A 479 -36.11 6.05 -6.41
N LYS A 480 -35.62 7.29 -6.25
CA LYS A 480 -34.91 7.98 -7.32
C LYS A 480 -33.48 8.19 -6.84
N PRO A 481 -32.62 7.22 -7.16
CA PRO A 481 -31.24 7.25 -6.69
C PRO A 481 -30.33 8.10 -7.54
N TYR A 482 -29.44 8.86 -6.90
CA TYR A 482 -28.43 9.68 -7.55
C TYR A 482 -27.07 9.12 -7.20
N SER A 483 -26.16 9.06 -8.19
CA SER A 483 -24.77 8.58 -8.07
C SER A 483 -23.83 9.76 -8.25
N SER A 484 -22.70 9.74 -7.54
CA SER A 484 -21.67 10.79 -7.64
C SER A 484 -20.47 10.42 -8.46
N VAL A 485 -20.50 9.31 -9.21
CA VAL A 485 -19.32 8.90 -9.99
C VAL A 485 -18.91 9.93 -11.03
N GLU A 486 -17.59 10.04 -11.26
CA GLU A 486 -16.99 10.99 -12.21
C GLU A 486 -16.61 10.36 -13.55
N LYS A 487 -15.89 9.23 -13.50
CA LYS A 487 -15.37 8.51 -14.67
C LYS A 487 -16.48 7.99 -15.57
N ASP A 488 -16.29 8.07 -16.89
CA ASP A 488 -17.28 7.60 -17.86
C ASP A 488 -17.34 6.09 -17.89
N GLN A 489 -16.23 5.42 -17.61
CA GLN A 489 -16.23 3.96 -17.57
C GLN A 489 -17.15 3.48 -16.42
N HIS A 490 -17.20 4.27 -15.32
CA HIS A 490 -18.04 3.98 -14.16
C HIS A 490 -19.51 4.21 -14.48
N ARG A 491 -19.83 5.30 -15.18
CA ARG A 491 -21.23 5.56 -15.55
C ARG A 491 -21.74 4.43 -16.41
N ILE A 492 -20.93 4.02 -17.39
CA ILE A 492 -21.32 2.93 -18.27
C ILE A 492 -21.64 1.71 -17.46
N ALA A 493 -20.72 1.33 -16.58
CA ALA A 493 -20.89 0.13 -15.77
C ALA A 493 -22.17 0.19 -14.95
N LEU A 494 -22.43 1.34 -14.32
CA LEU A 494 -23.65 1.50 -13.52
C LEU A 494 -24.90 1.49 -14.36
N ASP A 495 -24.84 1.96 -15.60
CA ASP A 495 -26.01 1.87 -16.49
C ASP A 495 -26.25 0.40 -16.90
N LEU A 496 -25.18 -0.37 -17.09
CA LEU A 496 -25.29 -1.79 -17.45
C LEU A 496 -25.82 -2.62 -16.27
N ILE A 497 -25.42 -2.24 -15.05
CA ILE A 497 -25.92 -2.89 -13.84
C ILE A 497 -27.40 -2.50 -13.60
N SER A 498 -27.77 -1.24 -13.83
CA SER A 498 -29.15 -0.82 -13.67
C SER A 498 -30.05 -1.64 -14.60
N GLU A 499 -29.66 -1.74 -15.88
CA GLU A 499 -30.41 -2.53 -16.86
C GLU A 499 -30.59 -3.95 -16.37
N ALA A 500 -29.49 -4.58 -15.89
CA ALA A 500 -29.50 -5.95 -15.37
C ALA A 500 -30.45 -6.15 -14.20
N ASN A 501 -30.77 -5.07 -13.48
CA ASN A 501 -31.64 -5.10 -12.31
C ASN A 501 -33.02 -4.50 -12.57
N HIS A 502 -33.43 -4.45 -13.86
CA HIS A 502 -34.75 -4.05 -14.38
C HIS A 502 -35.10 -2.60 -14.25
N PHE A 503 -34.11 -1.74 -14.27
CA PHE A 503 -34.49 -0.35 -14.21
C PHE A 503 -34.81 0.19 -15.57
N PRO A 504 -35.85 1.03 -15.64
CA PRO A 504 -36.11 1.77 -16.88
C PRO A 504 -35.05 2.86 -17.07
N LYS A 505 -34.80 3.24 -18.31
CA LYS A 505 -33.78 4.25 -18.61
C LYS A 505 -34.05 5.53 -17.81
N GLU A 506 -32.95 6.14 -17.32
CA GLU A 506 -32.89 7.35 -16.49
C GLU A 506 -33.42 7.16 -15.04
N THR A 507 -33.51 5.90 -14.52
CA THR A 507 -33.84 5.67 -13.11
C THR A 507 -32.68 6.22 -12.30
N LEU A 508 -31.47 5.81 -12.64
CA LEU A 508 -30.28 6.23 -11.94
C LEU A 508 -29.80 7.54 -12.51
N GLU A 509 -29.68 8.57 -11.66
CA GLU A 509 -29.19 9.87 -12.07
C GLU A 509 -27.72 10.01 -11.74
N PHE A 510 -27.03 10.86 -12.47
CA PHE A 510 -25.63 11.17 -12.21
C PHE A 510 -25.58 12.62 -11.84
N TRP A 511 -25.58 12.85 -10.52
CA TRP A 511 -25.59 14.13 -9.84
C TRP A 511 -24.63 15.16 -10.46
N LEU A 512 -23.39 14.75 -10.73
CA LEU A 512 -22.37 15.63 -11.32
C LEU A 512 -22.80 16.27 -12.66
N ARG A 513 -23.55 15.53 -13.51
CA ARG A 513 -24.02 16.01 -14.81
N MET A 521 -21.30 21.09 -5.95
CA MET A 521 -21.56 21.22 -4.51
C MET A 521 -22.86 20.48 -4.09
N LEU A 522 -23.13 20.38 -2.77
CA LEU A 522 -24.32 19.70 -2.23
C LEU A 522 -25.54 20.59 -2.15
N GLN A 523 -26.63 20.18 -2.83
CA GLN A 523 -27.87 20.95 -2.98
C GLN A 523 -29.12 20.05 -2.94
N ARG A 524 -30.32 20.65 -2.93
CA ARG A 524 -31.59 19.88 -2.91
C ARG A 524 -31.74 19.07 -4.20
N PRO A 525 -32.40 17.91 -4.16
CA PRO A 525 -32.59 17.13 -5.41
C PRO A 525 -33.37 17.91 -6.47
N LYS A 526 -34.31 18.75 -6.01
CA LYS A 526 -35.16 19.61 -6.81
C LYS A 526 -35.36 20.93 -6.06
N SER A 527 -35.74 22.02 -6.75
CA SER A 527 -35.94 23.32 -6.09
C SER A 527 -36.86 23.28 -4.87
N ASP A 528 -37.87 22.41 -4.88
CA ASP A 528 -38.83 22.33 -3.79
C ASP A 528 -38.80 21.01 -3.03
N LYS A 529 -37.78 20.16 -3.26
CA LYS A 529 -37.70 18.84 -2.64
C LYS A 529 -36.54 18.70 -1.68
N LEU A 530 -36.61 17.67 -0.84
CA LEU A 530 -35.58 17.33 0.12
C LEU A 530 -35.25 15.85 -0.01
N TRP A 531 -34.00 15.50 0.33
CA TRP A 531 -33.50 14.13 0.27
C TRP A 531 -34.09 13.27 1.38
N SER A 532 -34.35 12.00 1.11
CA SER A 532 -34.80 11.08 2.16
C SER A 532 -33.55 10.52 2.85
N ILE A 533 -32.52 10.20 2.04
CA ILE A 533 -31.25 9.65 2.50
C ILE A 533 -30.05 10.34 1.83
N ILE A 534 -29.04 10.67 2.61
CA ILE A 534 -27.80 11.19 2.06
C ILE A 534 -26.67 10.35 2.60
N ILE A 535 -25.82 9.80 1.75
CA ILE A 535 -24.69 8.95 2.19
C ILE A 535 -23.36 9.69 2.02
N LEU A 536 -22.58 9.79 3.08
CA LEU A 536 -21.28 10.47 2.99
C LEU A 536 -20.12 9.53 3.13
N ASP A 537 -19.03 9.84 2.44
CA ASP A 537 -17.81 9.05 2.56
C ASP A 537 -17.07 9.70 3.74
N VAL A 538 -17.02 9.02 4.89
CA VAL A 538 -16.47 9.57 6.12
C VAL A 538 -15.00 9.23 6.34
N ILE A 539 -14.60 7.98 6.04
CA ILE A 539 -13.25 7.47 6.29
C ILE A 539 -12.46 7.25 5.02
N GLU A 540 -11.20 7.72 5.02
CA GLU A 540 -10.31 7.56 3.88
C GLU A 540 -9.81 6.11 3.86
N PRO A 541 -9.45 5.60 2.68
CA PRO A 541 -8.82 4.27 2.59
C PRO A 541 -7.57 4.14 3.50
N SER A 542 -6.89 5.28 3.77
CA SER A 542 -5.70 5.40 4.63
C SER A 542 -5.92 5.07 6.09
N GLY A 543 -7.17 5.11 6.55
CA GLY A 543 -7.52 4.89 7.95
C GLY A 543 -7.76 6.18 8.71
N LEU A 544 -7.74 7.33 8.00
CA LEU A 544 -7.98 8.67 8.55
C LEU A 544 -9.35 9.18 8.24
N ILE A 545 -9.72 10.28 8.86
CA ILE A 545 -11.01 10.90 8.61
C ILE A 545 -10.91 11.80 7.38
N GLN A 546 -11.95 11.73 6.53
CA GLN A 546 -12.03 12.54 5.32
C GLN A 546 -12.09 14.01 5.64
N GLN A 547 -11.37 14.80 4.85
CA GLN A 547 -11.34 16.24 5.01
C GLN A 547 -12.72 16.77 4.64
N GLU A 548 -13.17 17.81 5.37
CA GLU A 548 -14.42 18.51 5.13
C GLU A 548 -15.70 17.71 5.44
N ILE A 549 -15.63 16.58 6.18
CA ILE A 549 -16.91 15.88 6.39
C ILE A 549 -17.85 16.55 7.35
N MET A 550 -17.33 17.20 8.38
CA MET A 550 -18.21 17.85 9.33
C MET A 550 -19.03 18.92 8.62
N GLU A 551 -18.38 19.63 7.70
CA GLU A 551 -18.98 20.65 6.86
C GLU A 551 -20.03 20.03 5.96
N LYS A 552 -19.71 18.90 5.31
CA LYS A 552 -20.66 18.23 4.45
C LYS A 552 -21.84 17.73 5.27
N ALA A 553 -21.57 17.23 6.48
CA ALA A 553 -22.64 16.74 7.34
C ALA A 553 -23.52 17.91 7.80
N ALA A 554 -22.92 19.06 8.09
CA ALA A 554 -23.68 20.23 8.52
C ALA A 554 -24.63 20.71 7.40
N ILE A 555 -24.13 20.77 6.17
CA ILE A 555 -24.97 21.19 5.06
C ILE A 555 -26.02 20.17 4.75
N SER A 556 -25.61 18.92 4.66
CA SER A 556 -26.52 17.85 4.34
C SER A 556 -27.69 17.81 5.29
N ARG A 557 -27.45 18.14 6.57
CA ARG A 557 -28.51 18.13 7.57
C ARG A 557 -29.68 19.04 7.21
N CYS A 558 -29.39 20.11 6.45
CA CYS A 558 -30.34 21.11 6.00
C CYS A 558 -31.12 20.72 4.75
N LEU A 559 -30.69 19.65 4.07
CA LEU A 559 -31.27 19.20 2.81
C LEU A 559 -32.10 17.96 2.96
N LEU A 560 -32.49 17.62 4.21
CA LEU A 560 -33.31 16.45 4.52
C LEU A 560 -34.79 16.68 4.78
N GLN A 561 -35.54 15.69 4.35
CA GLN A 561 -36.98 15.50 4.49
C GLN A 561 -37.28 15.33 5.98
N SER A 562 -38.51 15.62 6.41
CA SER A 562 -38.91 15.54 7.81
C SER A 562 -38.25 14.39 8.59
N GLY A 563 -38.37 13.16 8.08
CA GLY A 563 -37.78 11.99 8.75
C GLY A 563 -36.52 11.42 8.12
N GLY A 564 -35.80 12.23 7.35
CA GLY A 564 -34.63 11.75 6.62
C GLY A 564 -33.39 11.49 7.44
N LYS A 565 -32.45 10.76 6.83
CA LYS A 565 -31.22 10.38 7.51
C LYS A 565 -29.99 10.58 6.69
N ILE A 566 -28.88 10.83 7.38
CA ILE A 566 -27.55 10.88 6.81
C ILE A 566 -26.90 9.60 7.22
N PHE A 567 -26.25 8.92 6.28
CA PHE A 567 -25.51 7.73 6.61
C PHE A 567 -24.03 7.98 6.49
N PRO A 568 -23.23 7.51 7.45
CA PRO A 568 -23.62 6.91 8.74
C PRO A 568 -24.21 8.01 9.64
N GLN A 569 -25.01 7.66 10.63
CA GLN A 569 -25.56 8.69 11.51
C GLN A 569 -24.49 9.13 12.46
N TYR A 570 -23.65 8.18 12.87
CA TYR A 570 -22.53 8.52 13.72
C TYR A 570 -21.40 7.53 13.63
N VAL A 571 -20.25 7.99 14.04
CA VAL A 571 -19.04 7.21 13.96
C VAL A 571 -18.36 7.16 15.28
N LEU A 572 -17.88 5.97 15.66
CA LEU A 572 -17.09 5.84 16.87
C LEU A 572 -15.72 5.48 16.45
N MET A 573 -14.74 6.11 17.07
CA MET A 573 -13.34 5.78 16.83
C MET A 573 -12.90 5.03 18.04
N PHE A 574 -12.23 3.92 17.79
CA PHE A 574 -11.66 3.07 18.79
C PHE A 574 -10.18 3.01 18.69
N GLY A 575 -9.59 2.68 19.79
CA GLY A 575 -8.15 2.45 19.87
C GLY A 575 -7.77 1.49 20.96
N LEU A 576 -6.52 1.12 20.93
CA LEU A 576 -5.94 0.10 21.77
C LEU A 576 -4.51 0.46 22.14
N LEU A 577 -4.08 0.18 23.34
CA LEU A 577 -2.71 0.49 23.66
C LEU A 577 -1.84 -0.70 23.24
N VAL A 578 -0.71 -0.44 22.54
CA VAL A 578 0.16 -1.57 22.21
C VAL A 578 1.65 -1.31 22.40
N GLU A 579 2.37 -2.41 22.53
CA GLU A 579 3.81 -2.43 22.48
C GLU A 579 4.15 -3.03 21.12
N SER A 580 4.85 -2.26 20.26
CA SER A 580 5.28 -2.83 19.00
C SER A 580 6.68 -2.41 18.68
N GLN A 581 7.61 -3.38 18.74
CA GLN A 581 9.01 -3.10 18.41
C GLN A 581 9.12 -2.84 16.91
N THR A 582 8.29 -3.49 16.09
CA THR A 582 8.30 -3.26 14.67
C THR A 582 7.95 -1.83 14.33
N LEU A 583 6.86 -1.28 14.88
CA LEU A 583 6.55 0.10 14.52
C LEU A 583 7.69 1.00 14.97
N LEU A 584 8.31 0.67 16.10
CA LEU A 584 9.43 1.48 16.55
C LEU A 584 10.58 1.44 15.48
N GLU A 585 11.00 0.24 15.03
CA GLU A 585 12.07 -0.01 14.04
C GLU A 585 11.78 0.67 12.68
N GLU A 586 10.50 0.71 12.29
CA GLU A 586 10.08 1.30 11.02
C GLU A 586 10.04 2.83 11.10
N ASN A 587 9.96 3.45 12.28
CA ASN A 587 9.93 4.91 12.34
C ASN A 587 11.18 5.57 12.93
N ALA A 588 12.15 4.78 13.44
CA ALA A 588 13.36 5.36 14.01
C ALA A 588 14.51 4.38 14.07
N VAL A 589 15.75 4.90 13.85
CA VAL A 589 16.96 4.07 13.93
C VAL A 589 17.30 3.86 15.39
N GLN A 590 17.49 2.59 15.78
CA GLN A 590 17.75 2.24 17.16
C GLN A 590 19.24 2.23 17.51
N GLY A 591 19.80 3.41 17.68
CA GLY A 591 21.20 3.52 18.06
C GLY A 591 22.18 3.31 16.93
N THR A 592 23.47 3.31 17.27
CA THR A 592 24.56 3.21 16.29
C THR A 592 25.11 1.81 16.09
N GLU A 593 24.77 0.88 16.97
CA GLU A 593 25.25 -0.50 16.88
C GLU A 593 24.84 -1.12 15.56
N ARG A 594 23.64 -0.78 15.12
CA ARG A 594 23.04 -1.29 13.91
C ARG A 594 23.71 -0.87 12.62
N THR A 595 24.25 0.35 12.65
CA THR A 595 24.96 0.98 11.55
C THR A 595 26.47 0.77 11.71
N LEU A 596 26.84 -0.30 12.45
CA LEU A 596 28.21 -0.73 12.67
C LEU A 596 29.06 0.42 13.21
N GLY A 597 28.47 1.19 14.12
CA GLY A 597 29.13 2.32 14.78
C GLY A 597 28.98 3.69 14.16
N LEU A 598 28.54 3.78 12.91
CA LEU A 598 28.40 5.09 12.28
C LEU A 598 27.24 5.91 12.91
N ASN A 599 27.42 7.22 13.16
CA ASN A 599 26.35 8.04 13.77
C ASN A 599 25.35 8.43 12.74
N ILE A 600 24.34 7.61 12.56
CA ILE A 600 23.31 7.95 11.57
C ILE A 600 22.01 8.32 12.25
N ALA A 601 21.61 7.54 13.26
CA ALA A 601 20.33 7.76 13.95
C ALA A 601 20.00 9.23 14.31
N PRO A 602 20.94 10.02 14.89
CA PRO A 602 20.63 11.41 15.29
C PRO A 602 20.16 12.35 14.18
N PHE A 603 20.45 12.02 12.92
CA PHE A 603 20.06 12.89 11.81
C PHE A 603 18.80 12.40 11.16
N ILE A 604 18.75 11.12 10.81
CA ILE A 604 17.54 10.59 10.17
C ILE A 604 16.33 10.65 11.10
N ASN A 605 16.50 10.48 12.43
CA ASN A 605 15.39 10.51 13.39
C ASN A 605 14.83 11.91 13.62
N GLN A 606 15.40 12.93 12.95
CA GLN A 606 14.84 14.28 13.00
C GLN A 606 13.44 14.26 12.38
N PHE A 607 13.22 13.35 11.41
CA PHE A 607 11.98 13.20 10.64
C PHE A 607 11.07 12.06 11.10
N GLN A 608 10.41 12.17 12.27
CA GLN A 608 9.50 11.09 12.71
C GLN A 608 8.03 11.33 12.30
N VAL A 609 7.35 10.25 11.90
CA VAL A 609 5.94 10.28 11.48
C VAL A 609 5.07 10.18 12.71
N PRO A 610 4.14 11.10 12.96
CA PRO A 610 3.28 10.95 14.14
C PRO A 610 2.21 9.88 13.97
N ILE A 611 1.64 9.77 12.76
CA ILE A 611 0.57 8.83 12.50
C ILE A 611 0.88 7.98 11.29
N ARG A 612 1.04 6.67 11.50
CA ARG A 612 1.25 5.74 10.40
C ARG A 612 -0.11 5.38 9.80
N VAL A 613 -0.20 5.36 8.45
CA VAL A 613 -1.43 5.05 7.74
C VAL A 613 -1.28 3.85 6.84
N PHE A 614 -2.38 3.43 6.22
CA PHE A 614 -2.40 2.30 5.33
C PHE A 614 -1.90 1.01 6.01
N LEU A 615 -2.21 0.82 7.31
CA LEU A 615 -1.82 -0.39 8.04
C LEU A 615 -2.91 -1.44 7.99
N ASP A 616 -2.46 -2.69 8.06
CA ASP A 616 -3.34 -3.84 8.21
C ASP A 616 -3.09 -4.24 9.63
N LEU A 617 -3.96 -3.84 10.56
CA LEU A 617 -3.71 -4.19 11.96
C LEU A 617 -3.69 -5.66 12.16
N SER A 618 -4.50 -6.40 11.41
CA SER A 618 -4.60 -7.85 11.51
C SER A 618 -3.28 -8.61 11.34
N SER A 619 -2.27 -8.02 10.73
CA SER A 619 -0.99 -8.69 10.56
C SER A 619 0.15 -7.94 11.25
N LEU A 620 -0.17 -6.92 12.02
CA LEU A 620 0.80 -6.13 12.72
C LEU A 620 1.29 -6.91 13.87
N PRO A 621 2.61 -7.10 13.99
CA PRO A 621 3.12 -7.76 15.19
C PRO A 621 3.16 -6.72 16.31
N CYS A 622 2.45 -7.02 17.39
CA CYS A 622 2.38 -6.14 18.52
C CYS A 622 1.82 -6.91 19.70
N ILE A 623 1.87 -6.29 20.87
CA ILE A 623 1.37 -6.88 22.09
C ILE A 623 0.38 -5.92 22.65
N PRO A 624 -0.88 -6.36 22.85
CA PRO A 624 -1.88 -5.44 23.43
C PRO A 624 -1.58 -5.22 24.89
N LEU A 625 -1.72 -3.98 25.32
CA LEU A 625 -1.54 -3.60 26.70
C LEU A 625 -2.85 -3.20 27.37
N SER A 626 -3.94 -3.07 26.60
CA SER A 626 -5.27 -2.69 27.08
C SER A 626 -6.35 -3.35 26.21
N LYS A 627 -7.61 -3.19 26.57
CA LYS A 627 -8.71 -3.64 25.73
C LYS A 627 -9.08 -2.41 24.90
N PRO A 628 -9.77 -2.56 23.75
CA PRO A 628 -10.12 -1.38 22.95
C PRO A 628 -10.95 -0.42 23.76
N VAL A 629 -10.77 0.87 23.53
CA VAL A 629 -11.48 1.91 24.25
C VAL A 629 -11.98 2.93 23.24
N GLU A 630 -13.16 3.51 23.49
CA GLU A 630 -13.74 4.54 22.63
C GLU A 630 -13.00 5.83 22.86
N LEU A 631 -12.51 6.41 21.78
CA LEU A 631 -11.73 7.64 21.78
C LEU A 631 -12.51 8.85 21.36
N LEU A 632 -13.36 8.70 20.36
CA LEU A 632 -14.09 9.84 19.88
C LEU A 632 -15.38 9.46 19.28
N ARG A 633 -16.31 10.35 19.34
CA ARG A 633 -17.59 10.12 18.72
C ARG A 633 -17.94 11.32 17.84
N LEU A 634 -18.26 11.04 16.56
CA LEU A 634 -18.71 12.06 15.62
C LEU A 634 -20.19 11.83 15.39
N ASP A 635 -21.02 12.88 15.47
CA ASP A 635 -22.46 12.74 15.19
C ASP A 635 -22.80 13.60 13.98
N LEU A 636 -23.17 12.95 12.87
CA LEU A 636 -23.42 13.58 11.58
C LEU A 636 -24.83 14.14 11.50
N MET A 637 -25.77 13.50 12.21
CA MET A 637 -27.14 13.97 12.31
C MET A 637 -27.24 15.19 13.26
N THR A 638 -26.42 15.23 14.31
CA THR A 638 -26.49 16.28 15.34
C THR A 638 -25.15 16.99 15.63
N PRO A 639 -24.81 18.02 14.83
CA PRO A 639 -23.55 18.77 15.00
C PRO A 639 -23.20 19.33 16.40
N TYR A 640 -24.20 19.62 17.24
CA TYR A 640 -23.97 20.18 18.58
C TYR A 640 -23.46 19.14 19.57
N LEU A 641 -23.57 17.85 19.24
CA LEU A 641 -23.14 16.80 20.16
C LEU A 641 -21.67 16.44 20.03
N ASN A 642 -20.97 17.10 19.11
CA ASN A 642 -19.57 16.78 18.85
C ASN A 642 -18.64 17.51 19.75
N THR A 643 -17.89 16.79 20.58
CA THR A 643 -16.90 17.42 21.45
C THR A 643 -15.66 17.75 20.66
N SER A 644 -14.93 18.74 21.12
CA SER A 644 -13.64 19.10 20.54
C SER A 644 -12.49 18.71 21.49
N ASN A 645 -12.82 18.41 22.78
CA ASN A 645 -11.87 18.03 23.82
C ASN A 645 -12.49 16.95 24.64
N ARG A 646 -11.71 15.94 24.99
CA ARG A 646 -12.26 14.82 25.73
C ARG A 646 -11.14 14.07 26.46
N GLU A 647 -11.39 13.60 27.70
CA GLU A 647 -10.41 12.77 28.39
C GLU A 647 -10.94 11.36 28.41
N VAL A 648 -10.04 10.39 28.27
CA VAL A 648 -10.42 8.98 28.27
C VAL A 648 -9.56 8.25 29.25
N LYS A 649 -10.22 7.50 30.15
CA LYS A 649 -9.53 6.69 31.15
C LYS A 649 -9.36 5.30 30.55
N VAL A 650 -8.14 4.80 30.55
CA VAL A 650 -7.83 3.50 29.98
C VAL A 650 -7.16 2.64 31.00
N TYR A 651 -7.68 1.44 31.22
CA TYR A 651 -7.08 0.49 32.16
C TYR A 651 -6.00 -0.30 31.47
N VAL A 652 -4.83 -0.35 32.07
CA VAL A 652 -3.72 -1.10 31.51
C VAL A 652 -3.84 -2.54 32.00
N CYS A 653 -3.95 -3.46 31.06
CA CYS A 653 -4.11 -4.87 31.35
C CYS A 653 -2.77 -5.61 31.36
N LYS A 654 -1.73 -5.04 30.77
CA LYS A 654 -0.45 -5.71 30.75
C LYS A 654 0.63 -4.70 30.93
N SER A 655 1.62 -5.07 31.75
CA SER A 655 2.81 -4.25 31.95
C SER A 655 3.58 -4.30 30.63
N GLY A 656 4.11 -3.18 30.18
CA GLY A 656 4.84 -3.17 28.93
C GLY A 656 5.27 -1.79 28.51
N ARG A 657 5.75 -1.68 27.28
CA ARG A 657 6.18 -0.39 26.77
C ARG A 657 5.25 0.09 25.67
N LEU A 658 4.57 1.20 25.93
CA LEU A 658 3.66 1.78 25.00
C LEU A 658 4.40 2.53 23.92
N THR A 659 4.35 2.01 22.70
CA THR A 659 4.95 2.65 21.53
C THR A 659 3.88 3.21 20.61
N ALA A 660 2.68 2.60 20.59
CA ALA A 660 1.69 3.05 19.65
C ALA A 660 0.27 2.81 20.05
N ILE A 661 -0.62 3.50 19.36
CA ILE A 661 -2.04 3.39 19.55
C ILE A 661 -2.75 3.24 18.22
N PRO A 662 -2.92 1.98 17.78
CA PRO A 662 -3.75 1.70 16.60
C PRO A 662 -5.15 2.24 16.78
N PHE A 663 -5.78 2.61 15.68
CA PHE A 663 -7.16 3.06 15.77
C PHE A 663 -7.94 2.73 14.53
N TRP A 664 -9.27 2.58 14.73
CA TRP A 664 -10.22 2.20 13.68
C TRP A 664 -11.64 2.67 14.03
N TYR A 665 -12.62 2.42 13.16
CA TYR A 665 -13.94 2.98 13.35
C TYR A 665 -15.10 2.05 13.23
N HIS A 666 -16.14 2.39 13.95
CA HIS A 666 -17.42 1.71 13.84
C HIS A 666 -18.34 2.76 13.29
N MET A 667 -18.92 2.52 12.15
CA MET A 667 -19.80 3.48 11.51
C MET A 667 -21.22 3.00 11.64
N TYR A 668 -22.03 3.75 12.42
CA TYR A 668 -23.40 3.35 12.69
C TYR A 668 -24.37 3.95 11.68
N LEU A 669 -24.97 3.09 10.86
CA LEU A 669 -25.98 3.54 9.90
C LEU A 669 -27.31 3.70 10.61
N ASP A 670 -27.45 2.90 11.69
CA ASP A 670 -28.59 2.74 12.57
C ASP A 670 -28.03 2.31 13.93
N GLU A 671 -28.84 2.13 14.99
CA GLU A 671 -28.28 1.62 16.25
C GLU A 671 -28.25 0.07 16.22
N GLU A 672 -28.92 -0.55 15.22
CA GLU A 672 -28.93 -2.00 15.03
C GLU A 672 -27.87 -2.42 14.02
N ILE A 673 -27.32 -1.44 13.24
CA ILE A 673 -26.41 -1.71 12.13
C ILE A 673 -25.13 -0.90 12.14
N ARG A 674 -23.97 -1.59 12.14
CA ARG A 674 -22.69 -0.89 12.08
C ARG A 674 -21.69 -1.56 11.18
N LEU A 675 -20.84 -0.72 10.59
CA LEU A 675 -19.77 -1.15 9.73
C LEU A 675 -18.50 -1.08 10.58
N ASP A 676 -17.59 -2.05 10.42
CA ASP A 676 -16.30 -2.07 11.13
C ASP A 676 -15.14 -1.92 10.10
N THR A 677 -14.34 -0.85 10.24
CA THR A 677 -13.23 -0.60 9.29
C THR A 677 -12.07 -1.59 9.46
N SER A 678 -12.06 -2.40 10.53
CA SER A 678 -11.02 -3.38 10.79
C SER A 678 -11.47 -4.82 10.50
N SER A 679 -12.64 -5.02 9.88
CA SER A 679 -13.15 -6.36 9.61
C SER A 679 -12.32 -7.05 8.53
N GLU A 680 -12.41 -8.39 8.42
CA GLU A 680 -11.65 -9.15 7.41
C GLU A 680 -11.87 -8.63 5.99
N ALA A 681 -13.12 -8.28 5.67
CA ALA A 681 -13.60 -7.79 4.39
C ALA A 681 -13.53 -6.27 4.23
N SER A 682 -13.02 -5.56 5.23
CA SER A 682 -12.93 -4.11 5.15
C SER A 682 -12.08 -3.71 3.99
N HIS A 683 -12.57 -2.74 3.25
CA HIS A 683 -11.85 -2.17 2.14
C HIS A 683 -11.17 -0.88 2.60
N TRP A 684 -11.09 -0.65 3.92
CA TRP A 684 -10.34 0.47 4.46
C TRP A 684 -9.17 -0.12 5.18
N LYS A 685 -8.06 0.57 5.13
CA LYS A 685 -6.90 0.21 5.92
C LYS A 685 -7.06 0.99 7.24
N GLN A 686 -6.26 0.65 8.23
CA GLN A 686 -6.27 1.28 9.55
C GLN A 686 -5.03 2.13 9.74
N ALA A 687 -4.95 2.81 10.89
CA ALA A 687 -3.83 3.67 11.17
C ALA A 687 -3.45 3.56 12.62
N ALA A 688 -2.30 4.11 12.97
CA ALA A 688 -1.87 4.08 14.35
C ALA A 688 -1.13 5.31 14.76
N VAL A 689 -1.33 5.71 15.99
CA VAL A 689 -0.59 6.83 16.52
C VAL A 689 0.70 6.29 17.03
N VAL A 690 1.83 6.79 16.54
CA VAL A 690 3.11 6.31 17.03
C VAL A 690 3.71 7.33 18.01
N LEU A 691 4.06 6.87 19.21
CA LEU A 691 4.65 7.76 20.19
C LEU A 691 6.12 7.87 19.88
N ASP A 692 6.62 9.11 19.91
CA ASP A 692 8.03 9.41 19.67
C ASP A 692 8.85 8.96 20.87
N ASN A 693 8.28 9.14 22.08
CA ASN A 693 8.90 8.78 23.36
C ASN A 693 8.04 7.68 24.03
N PRO A 694 8.34 6.40 23.76
CA PRO A 694 7.53 5.30 24.32
C PRO A 694 7.54 5.28 25.83
N ILE A 695 6.41 4.89 26.41
CA ILE A 695 6.19 4.93 27.85
C ILE A 695 6.15 3.58 28.52
N GLN A 696 6.76 3.45 29.68
CA GLN A 696 6.63 2.21 30.43
C GLN A 696 5.28 2.24 31.17
N VAL A 697 4.46 1.19 31.03
CA VAL A 697 3.16 1.10 31.71
C VAL A 697 3.11 -0.15 32.54
N GLU A 698 2.28 -0.14 33.61
CA GLU A 698 2.15 -1.28 34.51
C GLU A 698 0.71 -1.80 34.60
N MET A 699 0.55 -3.13 34.70
CA MET A 699 -0.77 -3.78 34.85
C MET A 699 -1.49 -3.17 36.07
N GLY A 700 -2.75 -2.79 35.89
CA GLY A 700 -3.50 -2.17 36.97
C GLY A 700 -3.52 -0.66 36.94
N GLU A 701 -2.64 -0.05 36.13
CA GLU A 701 -2.54 1.40 35.98
C GLU A 701 -3.72 1.93 35.20
N GLU A 702 -4.15 3.14 35.51
CA GLU A 702 -5.20 3.80 34.75
C GLU A 702 -4.51 4.94 34.03
N LEU A 703 -4.48 4.84 32.71
CA LEU A 703 -3.85 5.81 31.86
C LEU A 703 -4.88 6.78 31.40
N VAL A 704 -4.52 8.04 31.24
CA VAL A 704 -5.49 9.01 30.73
C VAL A 704 -5.00 9.55 29.41
N LEU A 705 -5.89 9.49 28.42
CA LEU A 705 -5.60 10.02 27.10
C LEU A 705 -6.32 11.32 26.96
N SER A 706 -5.69 12.28 26.29
CA SER A 706 -6.30 13.57 26.02
C SER A 706 -6.51 13.65 24.50
N ILE A 707 -7.78 13.74 24.12
CA ILE A 707 -8.23 13.69 22.76
C ILE A 707 -8.83 15.02 22.33
N GLN A 708 -8.21 15.61 21.30
CA GLN A 708 -8.65 16.87 20.76
C GLN A 708 -9.05 16.63 19.32
N HIS A 709 -10.19 17.19 18.93
CA HIS A 709 -10.78 17.00 17.62
C HIS A 709 -11.15 18.33 16.99
N HIS A 710 -10.63 18.61 15.81
CA HIS A 710 -10.97 19.85 15.11
C HIS A 710 -11.08 19.56 13.63
N LYS A 711 -12.30 19.69 13.09
CA LYS A 711 -12.57 19.37 11.69
C LYS A 711 -12.21 17.89 11.46
N SER A 712 -11.23 17.56 10.63
CA SER A 712 -10.92 16.16 10.39
C SER A 712 -9.58 15.75 11.03
N ASN A 713 -9.05 16.63 11.90
CA ASN A 713 -7.78 16.38 12.56
C ASN A 713 -8.00 15.95 13.97
N VAL A 714 -7.37 14.84 14.34
CA VAL A 714 -7.53 14.33 15.67
C VAL A 714 -6.18 14.11 16.32
N SER A 715 -6.08 14.59 17.56
CA SER A 715 -4.90 14.56 18.40
C SER A 715 -5.16 13.63 19.57
N ILE A 716 -4.24 12.70 19.84
CA ILE A 716 -4.34 11.75 20.92
C ILE A 716 -3.03 11.81 21.66
N THR A 717 -3.06 12.23 22.92
CA THR A 717 -1.83 12.35 23.70
C THR A 717 -2.00 11.73 25.05
N VAL A 718 -0.93 11.28 25.66
CA VAL A 718 -1.05 10.74 27.01
C VAL A 718 -0.97 11.95 27.94
N LYS A 719 -2.00 12.14 28.77
CA LYS A 719 -2.05 13.28 29.71
C LYS A 719 -0.96 13.13 30.78
N GLN A 720 -0.72 11.89 31.25
CA GLN A 720 0.28 11.58 32.27
#